data_6O5U
#
_entry.id   6O5U
#
_cell.length_a   87.271
_cell.length_b   86.282
_cell.length_c   50.193
_cell.angle_alpha   90.000
_cell.angle_beta   119.960
_cell.angle_gamma   90.000
#
_symmetry.space_group_name_H-M   'C 1 2 1'
#
loop_
_entity.id
_entity.type
_entity.pdbx_description
1 polymer 'Aminoglycoside N(3)-acetyltransferase'
2 non-polymer 'KANAMYCIN A'
3 non-polymer 'MAGNESIUM ION'
4 water water
#
_entity_poly.entity_id   1
_entity_poly.type   'polypeptide(L)'
_entity_poly.pdbx_seq_one_letter_code
;GSHMTDPRKNGDLHEPATAPATPWSKSELVRQLRDLGVRSGDMVMPHVSLRAVGPLADGPQTLVDALIEAVGPTGNILAF
VSWRDSPYEQTLGHDAPPAAIAQSWPAFDPDHAPAYPGFGAINEFIRTYPGCRRSAHPDASMAAIGPDAAWLVAPHEMGA
AYGPRSPIARFLAHAGKILSIGAGPDAVTALHYAEAVARIEGKRRVTYSMPLLREGKRVWVTTSDWDSNGILDEYAAPDG
PDAVERIARDYLARTRVAQGPVGGAQSRLIDAADIVSFGIEWLEARHAAPAAAALKPKQRRD
;
_entity_poly.pdbx_strand_id   A
#
loop_
_chem_comp.id
_chem_comp.type
_chem_comp.name
_chem_comp.formula
KAN non-polymer 'KANAMYCIN A' 'C18 H36 N4 O11'
MG non-polymer 'MAGNESIUM ION' 'Mg 2'
#
# COMPACT_ATOMS: atom_id res chain seq x y z
N THR A 22 17.01 24.46 -5.08
CA THR A 22 17.09 24.42 -3.62
C THR A 22 16.15 23.38 -3.02
N PRO A 23 16.66 22.60 -2.07
CA PRO A 23 15.87 21.47 -1.55
C PRO A 23 14.61 21.93 -0.84
N TRP A 24 13.56 21.13 -0.96
CA TRP A 24 12.28 21.44 -0.34
C TRP A 24 12.37 21.30 1.17
N SER A 25 11.76 22.26 1.87
CA SER A 25 11.66 22.24 3.32
C SER A 25 10.37 21.56 3.75
N LYS A 26 10.35 21.09 5.00
N LYS A 26 10.37 21.05 4.98
CA LYS A 26 9.12 20.53 5.54
CA LYS A 26 9.17 20.48 5.57
C LYS A 26 7.96 21.51 5.39
C LYS A 26 8.00 21.45 5.44
N SER A 27 8.19 22.77 5.76
N SER A 27 8.24 22.73 5.73
CA SER A 27 7.09 23.75 5.71
CA SER A 27 7.15 23.70 5.72
C SER A 27 6.52 23.87 4.32
C SER A 27 6.54 23.84 4.33
N GLU A 28 7.38 23.89 3.29
CA GLU A 28 6.87 24.01 1.93
C GLU A 28 6.03 22.81 1.56
N LEU A 29 6.49 21.61 1.93
CA LEU A 29 5.72 20.41 1.64
C LEU A 29 4.38 20.42 2.36
N VAL A 30 4.36 20.87 3.61
CA VAL A 30 3.11 20.91 4.36
C VAL A 30 2.11 21.83 3.67
N ARG A 31 2.55 23.01 3.24
CA ARG A 31 1.63 23.92 2.58
C ARG A 31 1.15 23.32 1.26
N GLN A 32 2.04 22.64 0.53
CA GLN A 32 1.61 21.97 -0.70
C GLN A 32 0.59 20.89 -0.43
N LEU A 33 0.77 20.11 0.64
CA LEU A 33 -0.18 19.07 1.00
C LEU A 33 -1.52 19.68 1.38
N ARG A 34 -1.51 20.80 2.10
N ARG A 34 -1.51 20.81 2.08
CA ARG A 34 -2.76 21.48 2.38
CA ARG A 34 -2.76 21.48 2.38
C ARG A 34 -3.44 21.94 1.10
C ARG A 34 -3.44 21.96 1.11
N ASP A 35 -2.66 22.52 0.17
CA ASP A 35 -3.24 22.99 -1.08
C ASP A 35 -3.91 21.84 -1.82
N LEU A 36 -3.33 20.65 -1.76
CA LEU A 36 -3.87 19.48 -2.46
C LEU A 36 -5.14 18.95 -1.81
N GLY A 37 -5.37 19.29 -0.54
CA GLY A 37 -6.59 18.91 0.13
C GLY A 37 -6.36 18.03 1.34
N VAL A 38 -5.13 17.77 1.75
CA VAL A 38 -4.90 17.03 2.99
C VAL A 38 -5.29 17.93 4.17
N ARG A 39 -6.13 17.40 5.05
CA ARG A 39 -6.63 18.13 6.20
C ARG A 39 -6.24 17.43 7.49
N SER A 40 -6.11 18.21 8.56
N SER A 40 -6.13 18.22 8.56
CA SER A 40 -5.91 17.63 9.88
CA SER A 40 -5.96 17.65 9.89
C SER A 40 -7.02 16.62 10.17
C SER A 40 -7.03 16.60 10.14
N GLY A 41 -6.61 15.45 10.64
CA GLY A 41 -7.52 14.38 10.91
C GLY A 41 -7.62 13.33 9.83
N ASP A 42 -7.07 13.58 8.66
CA ASP A 42 -7.23 12.68 7.54
C ASP A 42 -6.50 11.36 7.77
N MET A 43 -7.00 10.35 7.06
CA MET A 43 -6.43 9.01 6.97
C MET A 43 -5.85 8.89 5.56
N VAL A 44 -4.53 8.85 5.46
N VAL A 44 -4.54 8.91 5.43
CA VAL A 44 -3.85 8.96 4.17
CA VAL A 44 -3.93 8.92 4.11
C VAL A 44 -2.94 7.75 3.93
C VAL A 44 -3.04 7.70 3.93
N MET A 45 -3.00 7.19 2.70
CA MET A 45 -2.12 6.12 2.27
C MET A 45 -1.27 6.71 1.14
N PRO A 46 0.03 6.91 1.34
CA PRO A 46 0.85 7.53 0.30
C PRO A 46 1.50 6.51 -0.63
N HIS A 47 1.67 6.94 -1.88
CA HIS A 47 2.48 6.24 -2.88
C HIS A 47 3.40 7.30 -3.45
N VAL A 48 4.71 7.13 -3.25
CA VAL A 48 5.66 8.21 -3.50
C VAL A 48 6.77 7.77 -4.45
N SER A 49 7.04 8.61 -5.46
CA SER A 49 8.27 8.53 -6.24
C SER A 49 9.22 9.62 -5.72
N LEU A 50 10.24 9.23 -4.95
CA LEU A 50 11.17 10.24 -4.41
C LEU A 50 11.97 10.93 -5.51
N ARG A 51 12.19 10.26 -6.64
CA ARG A 51 12.89 10.90 -7.76
C ARG A 51 12.08 12.07 -8.32
N ALA A 52 10.75 11.93 -8.38
CA ALA A 52 9.91 13.00 -8.87
C ALA A 52 9.83 14.15 -7.88
N VAL A 53 9.90 13.84 -6.58
CA VAL A 53 9.80 14.89 -5.56
C VAL A 53 11.00 15.81 -5.61
N GLY A 54 12.19 15.26 -5.85
CA GLY A 54 13.39 16.05 -5.88
C GLY A 54 14.03 16.20 -4.51
N PRO A 55 15.19 16.85 -4.47
CA PRO A 55 15.94 16.93 -3.20
C PRO A 55 15.12 17.54 -2.08
N LEU A 56 15.30 16.95 -0.90
CA LEU A 56 14.61 17.35 0.32
C LEU A 56 15.63 17.80 1.35
N ALA A 57 15.24 18.79 2.14
CA ALA A 57 16.17 19.41 3.09
C ALA A 57 16.95 18.36 3.87
N ASP A 58 16.25 17.37 4.43
CA ASP A 58 16.88 16.31 5.22
C ASP A 58 16.53 14.94 4.67
N GLY A 59 16.48 14.84 3.36
CA GLY A 59 16.18 13.58 2.71
C GLY A 59 14.74 13.17 2.92
N PRO A 60 14.46 11.89 2.64
CA PRO A 60 13.06 11.40 2.70
C PRO A 60 12.34 11.68 4.01
N GLN A 61 13.06 11.71 5.13
CA GLN A 61 12.41 12.01 6.40
C GLN A 61 11.67 13.34 6.34
N THR A 62 12.16 14.29 5.54
CA THR A 62 11.48 15.58 5.45
C THR A 62 10.03 15.39 5.00
N LEU A 63 9.81 14.52 4.01
CA LEU A 63 8.46 14.28 3.52
C LEU A 63 7.64 13.44 4.51
N VAL A 64 8.27 12.49 5.18
CA VAL A 64 7.58 11.78 6.25
C VAL A 64 7.11 12.77 7.30
N ASP A 65 8.00 13.63 7.76
CA ASP A 65 7.60 14.61 8.77
C ASP A 65 6.50 15.51 8.25
N ALA A 66 6.57 15.90 6.98
CA ALA A 66 5.55 16.78 6.41
C ALA A 66 4.19 16.08 6.38
N LEU A 67 4.17 14.80 6.03
CA LEU A 67 2.91 14.05 5.98
C LEU A 67 2.29 13.94 7.37
N ILE A 68 3.12 13.65 8.36
CA ILE A 68 2.64 13.56 9.74
C ILE A 68 2.12 14.89 10.23
N GLU A 69 2.81 15.99 9.91
CA GLU A 69 2.31 17.30 10.30
C GLU A 69 1.02 17.62 9.57
N ALA A 70 0.92 17.26 8.30
CA ALA A 70 -0.28 17.59 7.53
C ALA A 70 -1.52 16.89 8.06
N VAL A 71 -1.39 15.64 8.49
CA VAL A 71 -2.55 14.91 9.00
C VAL A 71 -2.81 15.24 10.45
N GLY A 72 -1.83 15.80 11.12
CA GLY A 72 -1.98 16.27 12.47
C GLY A 72 -2.03 15.16 13.50
N PRO A 73 -2.16 15.54 14.77
CA PRO A 73 -2.13 14.54 15.84
C PRO A 73 -3.36 13.65 15.93
N THR A 74 -4.44 13.95 15.21
CA THR A 74 -5.55 13.02 15.13
C THR A 74 -5.59 12.25 13.81
N GLY A 75 -4.67 12.55 12.88
CA GLY A 75 -4.66 11.89 11.59
C GLY A 75 -3.88 10.62 11.62
N ASN A 76 -3.97 9.90 10.51
CA ASN A 76 -3.28 8.63 10.41
C ASN A 76 -2.64 8.45 9.03
N ILE A 77 -1.54 7.71 9.00
N ILE A 77 -1.55 7.68 9.03
CA ILE A 77 -0.87 7.32 7.78
CA ILE A 77 -0.85 7.29 7.82
C ILE A 77 -0.82 5.80 7.72
C ILE A 77 -0.86 5.78 7.75
N LEU A 78 -1.19 5.23 6.57
CA LEU A 78 -1.06 3.81 6.31
C LEU A 78 -0.21 3.60 5.08
N ALA A 79 0.80 2.74 5.15
CA ALA A 79 1.63 2.49 3.98
C ALA A 79 1.83 0.99 3.79
N PHE A 80 1.85 0.59 2.52
CA PHE A 80 2.18 -0.80 2.16
C PHE A 80 3.70 -0.92 2.03
N VAL A 81 4.31 -1.53 3.04
CA VAL A 81 5.77 -1.56 3.14
C VAL A 81 6.34 -2.92 2.78
N SER A 82 5.57 -3.98 2.96
CA SER A 82 6.03 -5.36 2.65
C SER A 82 7.30 -5.64 3.47
N TRP A 83 8.24 -6.41 2.91
CA TRP A 83 9.42 -6.92 3.60
C TRP A 83 10.50 -7.13 2.55
N ARG A 84 11.68 -6.58 2.83
CA ARG A 84 12.82 -6.73 1.93
C ARG A 84 13.07 -8.19 1.59
N ASP A 85 12.91 -9.07 2.57
CA ASP A 85 13.31 -10.46 2.44
C ASP A 85 12.12 -11.41 2.40
N SER A 86 11.01 -11.00 1.83
CA SER A 86 9.89 -11.91 1.73
C SER A 86 10.25 -13.07 0.79
N PRO A 87 10.05 -14.30 1.21
CA PRO A 87 10.36 -15.46 0.35
C PRO A 87 9.22 -15.82 -0.60
N TYR A 88 8.62 -14.80 -1.22
CA TYR A 88 7.48 -15.01 -2.11
C TYR A 88 7.85 -15.85 -3.31
N GLU A 89 8.79 -15.37 -4.14
N GLU A 89 8.80 -15.37 -4.13
CA GLU A 89 9.18 -16.11 -5.33
CA GLU A 89 9.17 -16.11 -5.33
C GLU A 89 9.73 -17.49 -4.98
C GLU A 89 9.74 -17.48 -4.98
N GLN A 90 10.45 -17.59 -3.86
CA GLN A 90 11.08 -18.85 -3.49
C GLN A 90 10.10 -19.90 -3.03
N THR A 91 8.88 -19.52 -2.64
CA THR A 91 7.91 -20.49 -2.16
C THR A 91 6.67 -20.55 -3.05
N LEU A 92 6.59 -19.67 -4.06
CA LEU A 92 5.39 -19.56 -4.89
C LEU A 92 5.13 -20.87 -5.62
N GLY A 93 3.89 -21.35 -5.53
CA GLY A 93 3.48 -22.53 -6.26
C GLY A 93 3.79 -23.85 -5.59
N HIS A 94 4.45 -23.83 -4.45
CA HIS A 94 4.77 -25.05 -3.71
C HIS A 94 3.79 -25.28 -2.58
N ASP A 95 3.50 -26.54 -2.28
CA ASP A 95 2.61 -26.81 -1.15
C ASP A 95 3.32 -26.67 0.19
N ALA A 96 4.62 -26.47 0.19
CA ALA A 96 5.41 -26.26 1.38
C ALA A 96 6.68 -25.54 0.98
N PRO A 97 7.30 -24.79 1.89
CA PRO A 97 8.57 -24.15 1.54
C PRO A 97 9.60 -25.21 1.16
N PRO A 98 10.35 -24.98 0.08
CA PRO A 98 11.43 -25.91 -0.27
C PRO A 98 12.40 -26.06 0.90
N ALA A 99 13.00 -27.25 1.01
CA ALA A 99 13.78 -27.60 2.18
C ALA A 99 14.84 -26.56 2.53
N ALA A 100 15.58 -26.07 1.54
CA ALA A 100 16.68 -25.17 1.83
C ALA A 100 16.14 -23.83 2.33
N ILE A 101 15.02 -23.39 1.77
CA ILE A 101 14.37 -22.18 2.25
C ILE A 101 13.85 -22.39 3.66
N ALA A 102 13.15 -23.50 3.89
CA ALA A 102 12.54 -23.76 5.19
C ALA A 102 13.58 -23.74 6.30
N GLN A 103 14.77 -24.28 6.02
CA GLN A 103 15.75 -24.42 7.10
C GLN A 103 16.31 -23.07 7.54
N SER A 104 16.59 -22.15 6.61
CA SER A 104 17.43 -21.02 6.94
C SER A 104 16.75 -19.66 6.81
N TRP A 105 15.54 -19.57 6.30
CA TRP A 105 14.96 -18.25 6.12
C TRP A 105 14.70 -17.61 7.49
N PRO A 106 14.99 -16.31 7.65
CA PRO A 106 14.60 -15.64 8.89
C PRO A 106 13.08 -15.53 9.04
N ALA A 107 12.61 -15.77 10.26
CA ALA A 107 11.22 -15.48 10.57
C ALA A 107 10.98 -13.98 10.43
N PHE A 108 9.79 -13.62 9.94
CA PHE A 108 9.40 -12.22 9.89
C PHE A 108 9.26 -11.62 11.28
N ASP A 109 10.03 -10.59 11.54
CA ASP A 109 10.01 -9.96 12.85
C ASP A 109 9.53 -8.54 12.59
N PRO A 110 8.29 -8.20 12.93
CA PRO A 110 7.76 -6.90 12.52
C PRO A 110 8.54 -5.73 13.07
N ASP A 111 9.20 -5.88 14.23
CA ASP A 111 9.97 -4.79 14.80
C ASP A 111 11.28 -4.53 14.06
N HIS A 112 11.82 -5.52 13.35
CA HIS A 112 13.15 -5.39 12.76
C HIS A 112 13.26 -5.64 11.27
N ALA A 113 12.24 -6.16 10.64
CA ALA A 113 12.34 -6.52 9.22
C ALA A 113 12.26 -5.28 8.36
N PRO A 114 13.23 -5.02 7.50
CA PRO A 114 13.16 -3.81 6.67
C PRO A 114 12.08 -3.90 5.61
N ALA A 115 11.60 -2.73 5.21
CA ALA A 115 10.63 -2.59 4.13
C ALA A 115 11.24 -3.05 2.81
N TYR A 116 10.37 -3.35 1.85
CA TYR A 116 10.81 -3.78 0.53
C TYR A 116 11.23 -2.56 -0.30
N PRO A 117 12.48 -2.46 -0.72
CA PRO A 117 12.90 -1.25 -1.44
C PRO A 117 12.17 -0.99 -2.74
N GLY A 118 11.58 -2.00 -3.37
CA GLY A 118 10.98 -1.85 -4.68
C GLY A 118 9.68 -1.09 -4.70
N PHE A 119 9.03 -0.92 -3.54
CA PHE A 119 7.76 -0.20 -3.46
C PHE A 119 7.95 1.25 -3.03
N GLY A 120 9.19 1.70 -2.92
CA GLY A 120 9.48 3.05 -2.50
C GLY A 120 10.45 3.14 -1.35
N ALA A 121 11.50 3.94 -1.52
CA ALA A 121 12.47 4.12 -0.44
C ALA A 121 11.89 4.86 0.77
N ILE A 122 10.75 5.55 0.63
CA ILE A 122 10.18 6.25 1.77
C ILE A 122 9.67 5.26 2.82
N ASN A 123 9.32 4.04 2.40
CA ASN A 123 8.61 3.15 3.30
C ASN A 123 9.48 2.70 4.48
N GLU A 124 10.79 2.58 4.30
CA GLU A 124 11.63 2.23 5.44
C GLU A 124 11.68 3.37 6.45
N PHE A 125 11.59 4.63 5.98
CA PHE A 125 11.50 5.76 6.90
C PHE A 125 10.18 5.76 7.65
N ILE A 126 9.08 5.47 6.95
CA ILE A 126 7.79 5.38 7.63
C ILE A 126 7.80 4.30 8.71
N ARG A 127 8.21 3.08 8.36
CA ARG A 127 8.07 1.99 9.31
C ARG A 127 8.98 2.13 10.52
N THR A 128 10.10 2.85 10.42
CA THR A 128 10.96 3.07 11.56
C THR A 128 10.60 4.30 12.38
N TYR A 129 9.57 5.03 11.97
CA TYR A 129 9.16 6.21 12.73
C TYR A 129 8.73 5.79 14.13
N PRO A 130 9.12 6.52 15.17
CA PRO A 130 8.71 6.11 16.51
C PRO A 130 7.20 5.99 16.66
N GLY A 131 6.77 4.88 17.23
CA GLY A 131 5.37 4.60 17.42
C GLY A 131 4.68 3.98 16.23
N CYS A 132 5.38 3.81 15.12
CA CYS A 132 4.77 3.17 13.96
C CYS A 132 4.40 1.75 14.34
N ARG A 133 3.23 1.31 13.91
CA ARG A 133 2.80 -0.07 14.09
C ARG A 133 2.93 -0.80 12.77
N ARG A 134 3.09 -2.11 12.82
CA ARG A 134 3.41 -2.92 11.66
C ARG A 134 2.49 -4.13 11.66
N SER A 135 1.89 -4.43 10.50
CA SER A 135 0.99 -5.57 10.42
C SER A 135 1.78 -6.87 10.26
N ALA A 136 1.10 -7.96 10.59
CA ALA A 136 1.72 -9.26 10.80
C ALA A 136 1.92 -10.06 9.51
N HIS A 137 1.33 -9.65 8.39
CA HIS A 137 1.44 -10.38 7.14
C HIS A 137 2.79 -10.09 6.49
N PRO A 138 3.69 -11.06 6.40
CA PRO A 138 5.06 -10.70 6.05
C PRO A 138 5.20 -10.18 4.63
N ASP A 139 4.43 -10.69 3.68
CA ASP A 139 4.50 -10.24 2.31
C ASP A 139 3.67 -8.98 2.05
N ALA A 140 2.49 -8.86 2.67
CA ALA A 140 1.59 -7.73 2.49
C ALA A 140 1.74 -6.71 3.59
N SER A 141 2.86 -6.68 4.31
CA SER A 141 2.93 -5.96 5.57
C SER A 141 2.63 -4.49 5.38
N MET A 142 1.86 -3.94 6.33
N MET A 142 1.80 -3.96 6.27
CA MET A 142 1.40 -2.56 6.29
CA MET A 142 1.45 -2.54 6.28
C MET A 142 1.87 -1.85 7.56
C MET A 142 2.09 -1.89 7.50
N ALA A 143 2.26 -0.59 7.42
CA ALA A 143 2.74 0.21 8.53
C ALA A 143 1.77 1.34 8.74
N ALA A 144 1.49 1.66 10.00
CA ALA A 144 0.58 2.77 10.31
C ALA A 144 1.09 3.63 11.45
N ILE A 145 0.89 4.92 11.29
CA ILE A 145 1.24 5.95 12.26
C ILE A 145 -0.03 6.74 12.59
N GLY A 146 -0.31 6.88 13.87
CA GLY A 146 -1.41 7.67 14.35
C GLY A 146 -2.26 6.98 15.36
N PRO A 147 -3.27 7.68 15.88
CA PRO A 147 -4.04 7.13 17.01
C PRO A 147 -4.78 5.86 16.69
N ASP A 148 -5.08 5.64 15.41
CA ASP A 148 -5.80 4.44 15.01
C ASP A 148 -4.88 3.39 14.41
N ALA A 149 -3.58 3.49 14.67
CA ALA A 149 -2.64 2.61 14.00
C ALA A 149 -2.86 1.14 14.40
N ALA A 150 -3.10 0.89 15.68
CA ALA A 150 -3.28 -0.50 16.10
C ALA A 150 -4.51 -1.12 15.46
N TRP A 151 -5.60 -0.35 15.40
CA TRP A 151 -6.82 -0.83 14.78
C TRP A 151 -6.61 -1.06 13.29
N LEU A 152 -5.80 -0.23 12.66
CA LEU A 152 -5.54 -0.42 11.24
C LEU A 152 -4.75 -1.69 10.95
N VAL A 153 -3.71 -1.96 11.74
CA VAL A 153 -2.77 -2.99 11.31
C VAL A 153 -3.14 -4.42 11.69
N ALA A 154 -4.08 -4.63 12.61
CA ALA A 154 -4.41 -5.97 13.03
C ALA A 154 -5.93 -6.11 13.06
N PRO A 155 -6.45 -7.29 12.66
CA PRO A 155 -5.68 -8.45 12.19
C PRO A 155 -5.14 -8.28 10.78
N HIS A 156 -4.07 -9.02 10.48
CA HIS A 156 -3.60 -9.12 9.10
C HIS A 156 -3.08 -10.54 8.88
N GLU A 157 -4.01 -11.42 8.55
CA GLU A 157 -3.74 -12.84 8.51
C GLU A 157 -3.34 -13.31 7.12
N MET A 158 -2.54 -14.37 7.09
CA MET A 158 -2.31 -15.07 5.84
C MET A 158 -3.65 -15.44 5.23
N GLY A 159 -3.76 -15.27 3.92
CA GLY A 159 -5.00 -15.47 3.22
C GLY A 159 -5.85 -14.24 3.07
N ALA A 160 -5.47 -13.12 3.71
CA ALA A 160 -6.21 -11.85 3.67
C ALA A 160 -5.23 -10.71 3.42
N ALA A 161 -4.52 -10.78 2.29
CA ALA A 161 -3.46 -9.83 2.02
C ALA A 161 -4.02 -8.41 1.82
N TYR A 162 -4.95 -8.25 0.84
CA TYR A 162 -5.45 -6.92 0.51
C TYR A 162 -6.96 -6.85 0.48
N GLY A 163 -7.64 -7.96 0.80
CA GLY A 163 -9.08 -7.99 0.71
C GLY A 163 -9.76 -7.80 2.04
N PRO A 164 -10.99 -8.32 2.14
CA PRO A 164 -11.71 -8.28 3.41
C PRO A 164 -10.83 -8.75 4.56
N ARG A 165 -10.97 -8.02 5.68
CA ARG A 165 -10.33 -8.31 6.96
C ARG A 165 -8.89 -7.80 7.00
N SER A 166 -8.39 -7.21 5.93
CA SER A 166 -7.03 -6.69 5.91
C SER A 166 -7.01 -5.24 6.34
N PRO A 167 -5.81 -4.69 6.55
CA PRO A 167 -5.71 -3.24 6.81
C PRO A 167 -6.29 -2.40 5.71
N ILE A 168 -6.21 -2.83 4.45
CA ILE A 168 -6.83 -2.06 3.39
C ILE A 168 -8.33 -2.00 3.57
N ALA A 169 -8.96 -3.12 3.94
CA ALA A 169 -10.40 -3.10 4.19
C ALA A 169 -10.76 -2.05 5.26
N ARG A 170 -10.00 -1.97 6.35
CA ARG A 170 -10.33 -0.99 7.39
C ARG A 170 -10.04 0.44 6.91
N PHE A 171 -8.97 0.62 6.16
CA PHE A 171 -8.65 1.92 5.57
C PHE A 171 -9.81 2.44 4.72
N LEU A 172 -10.44 1.53 3.97
CA LEU A 172 -11.54 1.92 3.12
C LEU A 172 -12.77 2.27 3.94
N ALA A 173 -12.92 1.72 5.14
CA ALA A 173 -14.02 2.07 6.03
C ALA A 173 -13.72 3.30 6.87
N HIS A 174 -12.50 3.83 6.78
CA HIS A 174 -12.02 4.89 7.65
C HIS A 174 -11.76 6.17 6.86
N ALA A 175 -12.58 6.43 5.86
CA ALA A 175 -12.50 7.68 5.10
C ALA A 175 -11.13 7.84 4.43
N GLY A 176 -10.52 6.73 4.04
CA GLY A 176 -9.17 6.77 3.52
C GLY A 176 -9.04 7.60 2.25
N LYS A 177 -7.91 8.31 2.17
CA LYS A 177 -7.49 9.06 1.00
C LYS A 177 -6.18 8.44 0.51
N ILE A 178 -6.04 8.30 -0.81
CA ILE A 178 -4.81 7.81 -1.43
C ILE A 178 -4.05 9.00 -1.97
N LEU A 179 -2.83 9.19 -1.46
CA LEU A 179 -2.01 10.35 -1.81
C LEU A 179 -0.91 9.86 -2.74
N SER A 180 -1.08 10.15 -4.02
CA SER A 180 -0.15 9.69 -5.03
C SER A 180 0.78 10.86 -5.34
N ILE A 181 2.06 10.71 -5.03
CA ILE A 181 3.04 11.77 -5.17
C ILE A 181 4.02 11.33 -6.26
N GLY A 182 3.73 11.70 -7.50
CA GLY A 182 4.53 11.31 -8.64
C GLY A 182 4.43 9.85 -9.03
N ALA A 183 3.52 9.11 -8.42
CA ALA A 183 3.36 7.69 -8.70
C ALA A 183 2.34 7.48 -9.80
N GLY A 184 2.51 6.37 -10.52
CA GLY A 184 1.62 6.06 -11.63
C GLY A 184 0.34 5.36 -11.19
N PRO A 185 -0.56 5.15 -12.15
CA PRO A 185 -1.83 4.51 -11.80
C PRO A 185 -1.66 3.09 -11.33
N ASP A 186 -0.58 2.43 -11.76
CA ASP A 186 -0.28 1.08 -11.31
C ASP A 186 0.02 0.98 -9.82
N ALA A 187 0.24 2.11 -9.15
CA ALA A 187 0.74 2.04 -7.79
C ALA A 187 -0.34 1.86 -6.74
N VAL A 188 -1.62 1.92 -7.12
CA VAL A 188 -2.74 2.05 -6.17
C VAL A 188 -3.08 0.68 -5.55
N THR A 189 -2.33 0.32 -4.50
CA THR A 189 -2.50 -0.94 -3.80
C THR A 189 -3.94 -1.19 -3.39
N ALA A 190 -4.67 -0.14 -2.96
CA ALA A 190 -6.02 -0.37 -2.48
C ALA A 190 -6.92 -1.03 -3.50
N LEU A 191 -6.63 -0.89 -4.79
CA LEU A 191 -7.44 -1.53 -5.81
C LEU A 191 -7.29 -3.05 -5.81
N HIS A 192 -6.27 -3.62 -5.18
CA HIS A 192 -6.27 -5.07 -4.93
C HIS A 192 -7.46 -5.52 -4.11
N TYR A 193 -8.06 -4.63 -3.30
CA TYR A 193 -9.31 -4.99 -2.62
C TYR A 193 -10.43 -5.23 -3.63
N ALA A 194 -10.51 -4.37 -4.64
CA ALA A 194 -11.57 -4.53 -5.62
C ALA A 194 -11.42 -5.86 -6.33
N GLU A 195 -10.18 -6.26 -6.61
CA GLU A 195 -9.92 -7.55 -7.25
C GLU A 195 -10.38 -8.69 -6.35
N ALA A 196 -10.11 -8.58 -5.05
CA ALA A 196 -10.44 -9.66 -4.13
C ALA A 196 -11.94 -9.90 -4.09
N VAL A 197 -12.74 -8.82 -4.10
CA VAL A 197 -14.18 -8.96 -3.92
C VAL A 197 -14.96 -9.02 -5.22
N ALA A 198 -14.33 -8.78 -6.36
CA ALA A 198 -15.07 -8.75 -7.63
C ALA A 198 -15.70 -10.09 -7.93
N ARG A 199 -16.97 -10.06 -8.33
CA ARG A 199 -17.77 -11.25 -8.62
C ARG A 199 -17.60 -11.59 -10.10
N ILE A 200 -16.42 -12.11 -10.40
CA ILE A 200 -16.02 -12.40 -11.76
C ILE A 200 -15.46 -13.81 -11.83
N GLU A 201 -15.59 -14.41 -13.02
CA GLU A 201 -15.08 -15.75 -13.23
C GLU A 201 -13.60 -15.72 -13.59
N GLY A 202 -12.92 -16.81 -13.28
CA GLY A 202 -11.55 -17.01 -13.69
C GLY A 202 -10.51 -16.36 -12.82
N LYS A 203 -10.87 -15.99 -11.61
CA LYS A 203 -9.91 -15.29 -10.78
C LYS A 203 -8.71 -16.16 -10.42
N ARG A 204 -7.52 -15.58 -10.55
CA ARG A 204 -6.29 -16.28 -10.29
C ARG A 204 -5.95 -16.24 -8.81
N ARG A 205 -5.43 -17.35 -8.32
CA ARG A 205 -4.95 -17.47 -6.96
C ARG A 205 -3.51 -17.98 -7.02
N VAL A 206 -2.80 -17.71 -5.93
CA VAL A 206 -1.43 -18.15 -5.75
C VAL A 206 -1.34 -18.84 -4.41
N THR A 207 -0.36 -19.73 -4.29
CA THR A 207 -0.01 -20.36 -3.03
C THR A 207 1.43 -20.00 -2.71
N TYR A 208 1.69 -19.59 -1.47
CA TYR A 208 3.06 -19.27 -1.05
C TYR A 208 3.16 -19.54 0.44
N SER A 209 4.38 -19.41 0.97
CA SER A 209 4.65 -19.71 2.37
C SER A 209 5.50 -18.63 2.98
N MET A 210 5.12 -18.23 4.19
CA MET A 210 5.83 -17.22 4.93
C MET A 210 6.24 -17.71 6.30
N PRO A 211 7.40 -17.29 6.79
CA PRO A 211 7.83 -17.70 8.12
C PRO A 211 7.44 -16.65 9.16
N LEU A 212 6.57 -17.03 10.09
CA LEU A 212 6.02 -16.11 11.08
C LEU A 212 6.67 -16.38 12.42
N LEU A 213 6.58 -15.42 13.33
CA LEU A 213 6.94 -15.63 14.73
C LEU A 213 5.66 -15.87 15.51
N ARG A 214 5.63 -16.96 16.27
CA ARG A 214 4.50 -17.28 17.14
C ARG A 214 5.09 -17.74 18.46
N GLU A 215 4.92 -16.93 19.50
CA GLU A 215 5.53 -17.19 20.80
C GLU A 215 7.03 -17.46 20.65
N GLY A 216 7.69 -16.55 19.92
CA GLY A 216 9.13 -16.56 19.81
C GLY A 216 9.71 -17.61 18.90
N LYS A 217 8.88 -18.44 18.27
CA LYS A 217 9.35 -19.53 17.43
C LYS A 217 8.94 -19.29 15.99
N ARG A 218 9.82 -19.71 15.06
CA ARG A 218 9.49 -19.61 13.66
C ARG A 218 8.49 -20.70 13.29
N VAL A 219 7.40 -20.29 12.63
CA VAL A 219 6.36 -21.19 12.16
C VAL A 219 6.15 -20.87 10.69
N TRP A 220 6.37 -21.84 9.82
CA TRP A 220 6.02 -21.67 8.42
C TRP A 220 4.53 -21.81 8.21
N VAL A 221 3.94 -20.85 7.50
CA VAL A 221 2.51 -20.88 7.18
C VAL A 221 2.39 -20.87 5.67
N THR A 222 1.67 -21.84 5.13
CA THR A 222 1.36 -21.88 3.72
C THR A 222 -0.10 -21.49 3.52
N THR A 223 -0.36 -20.62 2.54
CA THR A 223 -1.70 -20.13 2.31
C THR A 223 -1.90 -19.92 0.82
N SER A 224 -3.15 -19.82 0.39
CA SER A 224 -3.48 -19.30 -0.91
C SER A 224 -4.13 -17.93 -0.74
N ASP A 225 -4.07 -17.14 -1.80
CA ASP A 225 -4.73 -15.84 -1.80
C ASP A 225 -4.91 -15.45 -3.26
N TRP A 226 -5.65 -14.39 -3.49
CA TRP A 226 -5.74 -13.84 -4.83
C TRP A 226 -4.39 -13.43 -5.37
N ASP A 227 -4.19 -13.62 -6.66
CA ASP A 227 -2.95 -13.24 -7.31
C ASP A 227 -2.87 -11.72 -7.37
N SER A 228 -1.94 -11.15 -6.58
CA SER A 228 -1.80 -9.70 -6.61
C SER A 228 -0.98 -9.23 -7.79
N ASN A 229 -0.48 -10.14 -8.65
CA ASN A 229 0.15 -9.72 -9.89
C ASN A 229 -0.75 -9.83 -11.10
N GLY A 230 -2.07 -9.91 -10.88
CA GLY A 230 -3.04 -9.95 -11.96
C GLY A 230 -4.19 -10.86 -11.62
N ILE A 231 -5.40 -10.32 -11.53
CA ILE A 231 -6.52 -11.10 -11.01
C ILE A 231 -7.03 -12.05 -12.07
N LEU A 232 -6.85 -11.73 -13.36
CA LEU A 232 -7.19 -12.61 -14.48
C LEU A 232 -5.95 -12.76 -15.35
N ASP A 233 -5.96 -13.81 -16.19
CA ASP A 233 -4.80 -14.08 -17.05
C ASP A 233 -4.44 -12.86 -17.89
N GLU A 234 -5.44 -12.11 -18.38
CA GLU A 234 -5.17 -10.99 -19.27
C GLU A 234 -4.59 -9.79 -18.54
N TYR A 235 -4.58 -9.80 -17.21
CA TYR A 235 -3.96 -8.75 -16.42
C TYR A 235 -2.62 -9.15 -15.80
N ALA A 236 -2.13 -10.34 -16.12
CA ALA A 236 -1.02 -10.93 -15.37
C ALA A 236 0.30 -10.97 -16.14
N ALA A 237 0.41 -10.29 -17.27
CA ALA A 237 1.72 -10.16 -17.89
C ALA A 237 2.68 -9.53 -16.88
N PRO A 238 3.95 -10.00 -16.81
CA PRO A 238 4.86 -9.39 -15.82
C PRO A 238 5.03 -7.91 -15.99
N ASP A 239 5.05 -7.41 -17.24
CA ASP A 239 5.21 -5.99 -17.53
C ASP A 239 3.92 -5.20 -17.33
N GLY A 240 2.79 -5.86 -17.12
CA GLY A 240 1.51 -5.20 -17.10
C GLY A 240 1.02 -4.93 -18.50
N PRO A 241 -0.03 -4.09 -18.64
CA PRO A 241 -0.72 -3.44 -17.52
C PRO A 241 -1.62 -4.42 -16.79
N ASP A 242 -1.62 -4.35 -15.46
CA ASP A 242 -2.52 -5.15 -14.67
C ASP A 242 -3.88 -4.42 -14.55
N ALA A 243 -4.79 -5.03 -13.82
CA ALA A 243 -6.11 -4.43 -13.64
C ALA A 243 -6.04 -3.15 -12.82
N VAL A 244 -5.20 -3.11 -11.78
CA VAL A 244 -5.04 -1.90 -10.97
C VAL A 244 -4.73 -0.72 -11.88
N GLU A 245 -3.75 -0.91 -12.77
CA GLU A 245 -3.34 0.18 -13.65
C GLU A 245 -4.46 0.60 -14.56
N ARG A 246 -5.15 -0.37 -15.17
CA ARG A 246 -6.21 -0.03 -16.12
C ARG A 246 -7.41 0.62 -15.43
N ILE A 247 -7.77 0.14 -14.24
CA ILE A 247 -8.86 0.76 -13.50
C ILE A 247 -8.50 2.20 -13.13
N ALA A 248 -7.29 2.40 -12.56
CA ALA A 248 -6.93 3.72 -12.05
C ALA A 248 -6.79 4.71 -13.19
N ARG A 249 -6.23 4.29 -14.33
N ARG A 249 -6.24 4.28 -14.32
CA ARG A 249 -6.16 5.18 -15.48
CA ARG A 249 -6.16 5.17 -15.48
C ARG A 249 -7.55 5.62 -15.92
C ARG A 249 -7.55 5.61 -15.94
N ASP A 250 -8.48 4.67 -16.06
N ASP A 250 -8.49 4.66 -16.03
CA ASP A 250 -9.85 5.01 -16.43
CA ASP A 250 -9.85 4.99 -16.44
C ASP A 250 -10.46 5.96 -15.40
C ASP A 250 -10.53 5.90 -15.42
N TYR A 251 -10.35 5.60 -14.12
CA TYR A 251 -10.90 6.45 -13.06
C TYR A 251 -10.39 7.88 -13.16
N LEU A 252 -9.07 8.05 -13.31
CA LEU A 252 -8.50 9.39 -13.31
C LEU A 252 -8.87 10.16 -14.57
N ALA A 253 -9.23 9.48 -15.64
CA ALA A 253 -9.70 10.17 -16.83
C ALA A 253 -11.15 10.59 -16.71
N ARG A 254 -11.86 10.10 -15.71
CA ARG A 254 -13.29 10.25 -15.59
C ARG A 254 -13.76 10.94 -14.30
N THR A 255 -12.85 11.41 -13.44
CA THR A 255 -13.21 11.88 -12.11
C THR A 255 -12.45 13.14 -11.77
N ARG A 256 -13.14 14.05 -11.10
CA ARG A 256 -12.49 15.22 -10.53
C ARG A 256 -11.70 14.79 -9.31
N VAL A 257 -10.39 15.06 -9.36
CA VAL A 257 -9.43 14.71 -8.32
C VAL A 257 -8.48 15.88 -8.15
N ALA A 258 -8.26 16.33 -6.91
CA ALA A 258 -7.34 17.43 -6.72
C ALA A 258 -5.94 17.03 -7.19
N GLN A 259 -5.31 17.91 -7.94
CA GLN A 259 -4.00 17.69 -8.51
C GLN A 259 -3.15 18.89 -8.19
N GLY A 260 -1.87 18.64 -7.97
CA GLY A 260 -0.96 19.70 -7.65
C GLY A 260 0.39 19.17 -7.24
N PRO A 261 1.36 20.07 -7.05
CA PRO A 261 2.72 19.62 -6.76
C PRO A 261 2.89 19.28 -5.29
N VAL A 262 3.70 18.26 -5.04
CA VAL A 262 4.31 18.03 -3.74
C VAL A 262 5.81 17.88 -4.02
N GLY A 263 6.60 18.80 -3.50
CA GLY A 263 7.94 18.92 -4.02
C GLY A 263 7.83 19.23 -5.50
N GLY A 264 8.67 18.57 -6.29
CA GLY A 264 8.60 18.67 -7.73
C GLY A 264 7.67 17.69 -8.41
N ALA A 265 6.90 16.91 -7.65
CA ALA A 265 6.15 15.79 -8.18
C ALA A 265 4.69 16.16 -8.42
N GLN A 266 4.18 15.79 -9.60
CA GLN A 266 2.76 15.87 -9.84
C GLN A 266 2.04 14.89 -8.92
N SER A 267 1.07 15.41 -8.15
CA SER A 267 0.43 14.61 -7.12
C SER A 267 -1.08 14.72 -7.23
N ARG A 268 -1.75 13.73 -6.64
N ARG A 268 -1.75 13.73 -6.63
CA ARG A 268 -3.20 13.64 -6.65
CA ARG A 268 -3.19 13.60 -6.66
C ARG A 268 -3.64 13.07 -5.32
C ARG A 268 -3.64 13.07 -5.30
N LEU A 269 -4.86 13.45 -4.91
CA LEU A 269 -5.45 13.00 -3.65
C LEU A 269 -6.80 12.36 -3.97
N ILE A 270 -6.90 11.06 -3.80
CA ILE A 270 -7.98 10.24 -4.30
C ILE A 270 -8.80 9.72 -3.14
N ASP A 271 -10.12 9.79 -3.26
N ASP A 271 -10.12 9.75 -3.29
CA ASP A 271 -11.00 9.15 -2.29
CA ASP A 271 -11.05 9.11 -2.36
C ASP A 271 -10.94 7.63 -2.50
C ASP A 271 -10.94 7.60 -2.53
N ALA A 272 -10.43 6.92 -1.49
CA ALA A 272 -10.16 5.49 -1.64
C ALA A 272 -11.43 4.67 -1.82
N ALA A 273 -12.47 4.94 -1.04
CA ALA A 273 -13.70 4.18 -1.19
C ALA A 273 -14.26 4.37 -2.58
N ASP A 274 -14.18 5.59 -3.12
CA ASP A 274 -14.76 5.83 -4.43
C ASP A 274 -14.00 5.09 -5.52
N ILE A 275 -12.68 5.14 -5.49
CA ILE A 275 -11.92 4.46 -6.54
C ILE A 275 -12.11 2.95 -6.43
N VAL A 276 -12.16 2.38 -5.22
CA VAL A 276 -12.37 0.95 -5.08
C VAL A 276 -13.76 0.53 -5.55
N SER A 277 -14.80 1.29 -5.20
N SER A 277 -14.80 1.30 -5.20
CA SER A 277 -16.13 1.00 -5.72
CA SER A 277 -16.13 1.01 -5.72
C SER A 277 -16.14 1.04 -7.24
C SER A 277 -16.16 1.06 -7.24
N PHE A 278 -15.55 2.09 -7.82
CA PHE A 278 -15.40 2.17 -9.27
C PHE A 278 -14.71 0.92 -9.82
N GLY A 279 -13.68 0.44 -9.14
CA GLY A 279 -12.95 -0.71 -9.65
C GLY A 279 -13.73 -2.00 -9.61
N ILE A 280 -14.53 -2.20 -8.55
CA ILE A 280 -15.43 -3.35 -8.47
C ILE A 280 -16.39 -3.32 -9.65
N GLU A 281 -17.01 -2.17 -9.86
CA GLU A 281 -17.94 -2.04 -10.99
C GLU A 281 -17.24 -2.27 -12.33
N TRP A 282 -16.03 -1.76 -12.46
CA TRP A 282 -15.27 -1.85 -13.71
C TRP A 282 -15.01 -3.30 -14.05
N LEU A 283 -14.56 -4.09 -13.07
CA LEU A 283 -14.27 -5.49 -13.31
C LEU A 283 -15.55 -6.26 -13.57
N GLU A 284 -16.60 -6.00 -12.81
CA GLU A 284 -17.85 -6.77 -12.97
C GLU A 284 -18.59 -6.42 -14.25
N ALA A 285 -18.33 -5.24 -14.81
CA ALA A 285 -18.91 -4.87 -16.10
C ALA A 285 -18.17 -5.53 -17.25
N ARG A 286 -16.93 -5.94 -17.06
CA ARG A 286 -16.12 -6.48 -18.13
C ARG A 286 -16.00 -8.00 -18.14
N HIS A 287 -16.37 -8.67 -17.05
CA HIS A 287 -16.11 -10.09 -16.90
C HIS A 287 -17.35 -10.78 -16.34
N ALA A 288 -17.77 -11.84 -17.01
CA ALA A 288 -18.99 -12.53 -16.59
C ALA A 288 -18.84 -13.05 -15.16
N ALA A 289 -19.97 -13.15 -14.47
CA ALA A 289 -20.00 -13.75 -13.14
C ALA A 289 -19.88 -15.27 -13.22
C1 KAN B . 4.23 -4.86 -9.46
C1 KAN B . 4.23 -4.86 -9.46
C2 KAN B . 4.80 -3.54 -9.96
C2 KAN B . 4.80 -3.54 -9.96
C3 KAN B . 3.65 -2.68 -10.49
C3 KAN B . 3.65 -2.68 -10.49
C4 KAN B . 2.96 -3.45 -11.61
C4 KAN B . 2.96 -3.45 -11.61
C5 KAN B . 2.58 -4.84 -11.11
C5 KAN B . 2.58 -4.84 -11.11
C6 KAN B . 2.09 -5.66 -12.31
C6 KAN B . 2.09 -5.66 -12.31
C7 KAN B . 2.33 -6.69 -5.01
C7 KAN B . 2.33 -6.69 -5.01
C8 KAN B . 3.20 -7.47 -5.98
C8 KAN B . 3.19 -7.48 -5.97
C9 KAN B . 3.80 -6.48 -6.95
C9 KAN B . 3.80 -6.48 -6.95
C10 KAN B . 2.74 -5.68 -7.73
C10 KAN B . 2.74 -5.68 -7.73
C11 KAN B . 1.73 -5.05 -6.76
C11 KAN B . 1.73 -5.05 -6.76
C12 KAN B . 1.17 -6.06 -5.77
C12 KAN B . 1.17 -6.06 -5.77
C13 KAN B . 4.20 -9.49 -5.14
C13 KAN B . 4.19 -9.49 -5.14
C14 KAN B . 4.85 -9.83 -3.80
C14 KAN B . 4.84 -9.84 -3.81
C15 KAN B . 6.31 -9.43 -3.77
C15 KAN B . 6.31 -9.44 -3.79
C16 KAN B . 6.98 -10.15 -4.93
C16 KAN B . 6.96 -10.13 -4.99
C17 KAN B . 6.26 -9.81 -6.23
C17 KAN B . 6.21 -9.69 -6.25
C18 KAN B . 6.92 -10.68 -7.28
C18 KAN B . 6.85 -10.24 -7.51
N1 KAN B . 1.76 -7.01 -11.86
N1 KAN B . 1.76 -7.01 -11.86
N2 KAN B . 0.62 -4.50 -7.55
N2 KAN B . 0.62 -4.50 -7.55
N3 KAN B . 1.80 -7.57 -3.98
N3 KAN B . 1.80 -7.57 -3.98
N4 KAN B . 6.97 -9.89 -2.56
N4 KAN B . 6.96 -9.89 -2.57
O5 KAN B . 3.67 -5.53 -10.56
O5 KAN B . 3.67 -5.53 -10.56
O6 KAN B . 5.40 -2.86 -8.87
O6 KAN B . 5.40 -2.86 -8.87
O7 KAN B . 4.22 -1.48 -10.99
O7 KAN B . 4.22 -1.48 -10.99
O8 KAN B . 1.78 -2.77 -12.03
O8 KAN B . 1.78 -2.77 -12.03
O9 KAN B . 3.25 -4.57 -8.45
O9 KAN B . 3.25 -4.57 -8.45
O10 KAN B . 4.54 -7.25 -7.87
O10 KAN B . 4.54 -7.25 -7.87
O11 KAN B . 4.26 -8.07 -5.26
O11 KAN B . 4.25 -8.07 -5.25
O12 KAN B . 4.89 -10.14 -6.20
O12 KAN B . 4.88 -10.15 -6.20
O13 KAN B . 4.21 -9.08 -2.80
O13 KAN B . 4.21 -9.09 -2.80
O14 KAN B . 8.31 -9.69 -5.06
O14 KAN B . 8.31 -9.71 -5.07
O15 KAN B . 6.23 -10.44 -8.47
O15 KAN B . 6.83 -11.63 -7.47
H1 KAN B . 4.94 -5.40 -9.08
H1 KAN B . 4.94 -5.40 -9.07
H2 KAN B . 5.45 -3.70 -10.66
H2 KAN B . 5.45 -3.70 -10.66
H3 KAN B . 3.03 -2.49 -9.78
H3 KAN B . 3.03 -2.49 -9.78
H4 KAN B . 3.56 -3.53 -12.37
H4 KAN B . 3.56 -3.53 -12.37
H5 KAN B . 1.87 -4.77 -10.46
H5 KAN B . 1.87 -4.77 -10.46
H61 KAN B . 2.80 -5.70 -12.98
H61 KAN B . 2.80 -5.70 -12.98
H62 KAN B . 1.30 -5.24 -12.69
H62 KAN B . 1.30 -5.24 -12.69
H7 KAN B . 2.86 -5.99 -4.59
H7 KAN B . 2.86 -5.99 -4.59
H8 KAN B . 2.68 -8.14 -6.44
H8 KAN B . 2.68 -8.14 -6.44
H9 KAN B . 4.39 -5.87 -6.48
H9 KAN B . 4.39 -5.87 -6.48
H10 KAN B . 2.27 -6.28 -8.33
H10 KAN B . 2.27 -6.28 -8.33
H11 KAN B . 2.16 -4.33 -6.27
H11 KAN B . 2.16 -4.33 -6.27
H121 KAN B . 0.58 -5.61 -5.14
H121 KAN B . 0.58 -5.61 -5.14
H122 KAN B . 0.67 -6.75 -6.24
H122 KAN B . 0.67 -6.75 -6.24
H13 KAN B . 3.27 -9.77 -5.14
H13 KAN B . 3.26 -9.78 -5.14
H14 KAN B . 4.75 -10.78 -3.62
H14 KAN B . 4.74 -10.79 -3.63
H15 KAN B . 6.40 -8.48 -3.87
H15 KAN B . 6.40 -8.48 -3.88
H16 KAN B . 6.96 -11.10 -4.79
H16 KAN B . 6.92 -11.10 -4.89
H17 KAN B . 6.38 -8.87 -6.44
H17 KAN B . 6.21 -8.72 -6.29
H181 KAN B . 7.85 -10.44 -7.38
H181 KAN B . 6.35 -9.92 -8.29
H182 KAN B . 6.84 -11.61 -7.03
H182 KAN B . 7.77 -9.93 -7.58
HN11 KAN B . 1.91 -7.54 -12.55
HN11 KAN B . 1.94 -7.55 -12.54
HN12 KAN B . 2.35 -7.22 -11.23
HN12 KAN B . 2.34 -7.20 -11.21
HN21 KAN B . 0.22 -3.90 -7.04
HN21 KAN B . 0.19 -3.92 -7.02
HN22 KAN B . 1.00 -4.06 -8.23
HN22 KAN B . 0.99 -4.02 -8.21
HN31 KAN B . 1.25 -7.09 -3.48
HN31 KAN B . 1.27 -7.08 -3.46
HN32 KAN B . 1.31 -8.19 -4.39
HN32 KAN B . 1.28 -8.16 -4.39
HN41 KAN B . 6.38 -9.77 -1.90
HN41 KAN B . 6.39 -9.74 -1.90
HN42 KAN B . 7.09 -10.77 -2.64
HN42 KAN B . 7.05 -10.78 -2.63
HO6 KAN B . 6.23 -2.83 -9.03
HO6 KAN B . 6.23 -2.82 -9.04
HO7 KAN B . 4.58 -1.67 -11.73
HO7 KAN B . 4.58 -1.67 -11.73
HO8 KAN B . 1.93 -2.46 -12.80
HO8 KAN B . 1.95 -2.43 -12.78
HO1 KAN B . 5.33 -6.93 -7.89
HO1 KAN B . 5.33 -6.94 -7.88
HO3 KAN B . 3.47 -9.48 -2.63
HO3 KAN B . 3.48 -9.48 -2.62
HO4 KAN B . 8.32 -9.14 -5.70
HO4 KAN B . 8.38 -9.25 -5.79
HO5 KAN B . 6.14 -9.59 -8.54
HO5 KAN B . 6.28 -11.85 -6.85
MG MG C . -9.33 9.27 15.04
#